data_5F8X
#
_entry.id   5F8X
#
_cell.length_a   90.339
_cell.length_b   90.339
_cell.length_c   57.346
_cell.angle_alpha   90.00
_cell.angle_beta   90.00
_cell.angle_gamma   120.00
#
_symmetry.space_group_name_H-M   'P 65'
#
loop_
_entity.id
_entity.type
_entity.pdbx_description
1 polymer 'Plasma kallikrein'
2 polymer CYS-PRO-ALA-ARG-PHE-M70-ALA-LEU-TRP-CYS
3 non-polymer 'SULFATE ION'
4 non-polymer piperidine-1-carboximidamide
5 water water
#
loop_
_entity_poly.entity_id
_entity_poly.type
_entity_poly.pdbx_seq_one_letter_code
_entity_poly.pdbx_strand_id
1 'polypeptide(L)'
;IVGGTNSSWGEWPWQVSLQVKLTAQRHLCGGSLIGHQWVLTAAHCFDGLPLQDVWRIYSGILNLSDITKDTPFSQIKEII
IHQNYKVSEGNHDIALIKLQAPLNYTEFQKPISLPSKGDTSTIYTNCWVTGWGFSKEKGEIQNILQKVNIPLVTNEECQK
RYQDYKITQRMVCAGYKEGGKDACKGDSGGPLVCKHNGMWRLVGITSWGEGCARREQPGVYTKVAEYMDWILEKTQSSD
;
A
2 'polypeptide(L)' CPARFAALWC B
#
loop_
_chem_comp.id
_chem_comp.type
_chem_comp.name
_chem_comp.formula
MRZ non-polymer piperidine-1-carboximidamide 'C6 H13 N3'
SO4 non-polymer 'SULFATE ION' 'O4 S -2'
#
# COMPACT_ATOMS: atom_id res chain seq x y z
N ILE A 1 7.01 8.01 3.39
CA ILE A 1 8.25 7.19 3.39
C ILE A 1 9.35 7.97 4.10
N VAL A 2 9.94 7.34 5.13
CA VAL A 2 11.06 7.93 5.87
C VAL A 2 12.37 7.39 5.30
N GLY A 3 13.32 8.29 5.09
CA GLY A 3 14.67 7.91 4.66
C GLY A 3 14.75 7.42 3.23
N GLY A 4 13.78 7.79 2.41
CA GLY A 4 13.74 7.39 1.01
C GLY A 4 14.33 8.45 0.11
N THR A 5 14.17 8.25 -1.20
CA THR A 5 14.60 9.23 -2.19
C THR A 5 13.53 9.38 -3.26
N ASN A 6 13.69 10.38 -4.10
CA ASN A 6 12.73 10.69 -5.12
C ASN A 6 12.81 9.65 -6.24
N SER A 7 11.66 9.17 -6.67
CA SER A 7 11.59 8.20 -7.75
C SER A 7 11.61 8.89 -9.11
N SER A 8 11.95 8.13 -10.14
CA SER A 8 11.89 8.63 -11.52
C SER A 8 10.75 7.95 -12.27
N TRP A 9 10.41 8.51 -13.43
CA TRP A 9 9.28 8.03 -14.23
C TRP A 9 9.45 6.56 -14.62
N GLY A 10 8.38 5.78 -14.48
CA GLY A 10 8.37 4.39 -14.92
C GLY A 10 8.96 3.36 -13.96
N GLU A 11 9.53 3.81 -12.84
CA GLU A 11 10.06 2.87 -11.85
C GLU A 11 8.96 2.07 -11.19
N TRP A 12 7.85 2.75 -10.86
CA TRP A 12 6.75 2.14 -10.10
C TRP A 12 5.42 2.44 -10.80
N PRO A 13 5.21 1.86 -11.99
CA PRO A 13 4.05 2.21 -12.83
C PRO A 13 2.70 1.70 -12.32
N TRP A 14 2.73 0.85 -11.30
CA TRP A 14 1.54 0.33 -10.63
C TRP A 14 1.07 1.19 -9.46
N GLN A 15 1.90 2.14 -9.02
CA GLN A 15 1.55 2.95 -7.85
C GLN A 15 0.46 3.94 -8.20
N VAL A 16 -0.59 4.01 -7.37
CA VAL A 16 -1.62 5.01 -7.53
C VAL A 16 -1.76 5.82 -6.25
N SER A 17 -2.33 7.02 -6.39
CA SER A 17 -2.67 7.87 -5.27
C SER A 17 -4.18 7.86 -5.11
N LEU A 18 -4.65 7.44 -3.95
CA LEU A 18 -6.08 7.44 -3.64
C LEU A 18 -6.37 8.74 -2.89
N GLN A 19 -7.11 9.63 -3.54
CA GLN A 19 -7.41 10.95 -3.00
C GLN A 19 -8.89 11.11 -2.82
N VAL A 20 -9.27 12.04 -1.96
CA VAL A 20 -10.63 12.44 -1.86
C VAL A 20 -10.82 13.92 -2.08
N LYS A 21 -11.98 14.21 -2.66
CA LYS A 21 -12.42 15.56 -2.76
C LYS A 21 -13.80 15.77 -2.15
N LEU A 22 -13.86 16.66 -1.18
CA LEU A 22 -15.10 17.09 -0.59
C LEU A 22 -15.19 18.53 -1.05
N THR A 23 -14.80 19.49 -0.22
CA THR A 23 -14.58 20.81 -0.73
C THR A 23 -13.13 21.03 -1.15
N ALA A 24 -12.20 20.35 -0.50
CA ALA A 24 -10.81 20.38 -0.83
C ALA A 24 -10.40 18.97 -1.22
N GLN A 25 -9.27 18.85 -1.88
CA GLN A 25 -8.77 17.59 -2.35
C GLN A 25 -7.49 17.22 -1.62
N ARG A 26 -7.41 15.99 -1.16
CA ARG A 26 -6.23 15.52 -0.47
C ARG A 26 -5.86 14.06 -0.76
N HIS A 27 -4.58 13.77 -0.74
CA HIS A 27 -4.11 12.39 -0.80
C HIS A 27 -4.31 11.70 0.54
N LEU A 28 -4.91 10.51 0.51
CA LEU A 28 -5.17 9.74 1.73
C LEU A 28 -4.36 8.45 1.84
N CYS A 29 -4.18 7.75 0.74
CA CYS A 29 -3.60 6.41 0.76
C CYS A 29 -2.94 6.07 -0.56
N GLY A 30 -2.07 5.08 -0.54
CA GLY A 30 -1.57 4.46 -1.75
C GLY A 30 -2.37 3.24 -2.16
N GLY A 31 -2.04 2.73 -3.33
CA GLY A 31 -2.65 1.51 -3.86
C GLY A 31 -1.78 0.98 -4.98
N SER A 32 -2.07 -0.25 -5.42
CA SER A 32 -1.36 -0.87 -6.53
C SER A 32 -2.34 -1.31 -7.59
N LEU A 33 -2.13 -0.86 -8.82
CA LEU A 33 -2.87 -1.37 -9.95
C LEU A 33 -2.48 -2.83 -10.14
N ILE A 34 -3.45 -3.72 -10.04
CA ILE A 34 -3.18 -5.14 -10.26
C ILE A 34 -3.89 -5.66 -11.49
N GLY A 35 -4.84 -4.93 -12.05
CA GLY A 35 -5.51 -5.33 -13.28
C GLY A 35 -6.01 -4.09 -13.98
N HIS A 36 -6.52 -4.24 -15.19
CA HIS A 36 -6.91 -3.06 -15.95
C HIS A 36 -8.04 -2.25 -15.30
N GLN A 37 -8.81 -2.89 -14.41
CA GLN A 37 -9.89 -2.21 -13.68
C GLN A 37 -9.84 -2.44 -12.16
N TRP A 38 -8.69 -2.88 -11.64
CA TRP A 38 -8.59 -3.29 -10.24
C TRP A 38 -7.37 -2.70 -9.54
N VAL A 39 -7.63 -2.05 -8.39
CA VAL A 39 -6.57 -1.58 -7.50
C VAL A 39 -6.65 -2.35 -6.19
N LEU A 40 -5.48 -2.69 -5.64
CA LEU A 40 -5.38 -3.37 -4.36
C LEU A 40 -4.81 -2.40 -3.33
N THR A 41 -5.46 -2.32 -2.17
CA THR A 41 -5.07 -1.37 -1.14
C THR A 41 -5.38 -1.95 0.24
N ALA A 42 -5.34 -1.11 1.27
CA ALA A 42 -5.62 -1.52 2.65
C ALA A 42 -7.07 -1.23 3.02
N ALA A 43 -7.68 -2.14 3.77
CA ALA A 43 -9.04 -1.93 4.26
C ALA A 43 -9.15 -0.69 5.16
N HIS A 44 -8.13 -0.41 5.96
CA HIS A 44 -8.21 0.70 6.91
C HIS A 44 -8.25 2.08 6.21
N CYS A 45 -7.95 2.11 4.92
CA CYS A 45 -8.09 3.35 4.13
C CYS A 45 -9.54 3.80 3.95
N PHE A 46 -10.46 2.90 4.25
CA PHE A 46 -11.88 3.21 4.18
C PHE A 46 -12.54 3.52 5.53
N ASP A 47 -11.79 3.45 6.60
CA ASP A 47 -12.33 3.71 7.90
C ASP A 47 -12.53 5.21 8.00
N GLY A 48 -13.71 5.64 8.40
CA GLY A 48 -13.97 7.05 8.49
C GLY A 48 -14.02 7.84 7.20
N LEU A 49 -14.66 7.24 6.24
CA LEU A 49 -14.84 7.78 4.91
C LEU A 49 -16.28 7.88 4.53
N PRO A 50 -16.58 8.98 3.74
CA PRO A 50 -17.95 8.94 3.14
C PRO A 50 -18.09 7.95 1.96
N LEU A 51 -19.24 7.92 1.33
CA LEU A 51 -19.44 7.04 0.22
C LEU A 51 -18.45 7.33 -0.89
N GLN A 52 -18.38 6.39 -1.82
CA GLN A 52 -17.31 6.32 -2.75
C GLN A 52 -17.31 7.38 -3.83
N ASP A 53 -18.22 8.22 -3.97
CA ASP A 53 -18.17 9.32 -4.92
C ASP A 53 -17.08 10.34 -4.62
N VAL A 54 -16.64 10.38 -3.39
CA VAL A 54 -15.58 11.28 -3.02
C VAL A 54 -14.20 10.96 -3.60
N TRP A 55 -13.97 9.72 -3.98
CA TRP A 55 -12.65 9.29 -4.35
C TRP A 55 -12.22 9.64 -5.77
N ARG A 56 -10.97 10.09 -5.88
CA ARG A 56 -10.31 10.32 -7.15
C ARG A 56 -9.00 9.51 -7.09
N ILE A 57 -8.85 8.63 -8.06
CA ILE A 57 -7.69 7.75 -8.13
C ILE A 57 -6.77 8.16 -9.25
N TYR A 58 -5.56 8.53 -8.88
CA TYR A 58 -4.59 9.00 -9.84
C TYR A 58 -3.56 7.92 -10.13
N SER A 59 -3.40 7.64 -11.42
CA SER A 59 -2.38 6.71 -11.91
C SER A 59 -1.55 7.44 -12.96
N GLY A 60 -0.36 6.93 -13.23
CA GLY A 60 0.55 7.58 -14.18
C GLY A 60 1.00 8.96 -13.72
N ILE A 61 1.04 9.15 -12.41
CA ILE A 61 1.45 10.41 -11.82
C ILE A 61 2.66 10.17 -10.92
N LEU A 62 3.71 10.95 -11.13
CA LEU A 62 4.93 10.85 -10.34
C LEU A 62 4.93 11.88 -9.21
N ASN A 63 4.46 12.98 -9.44
CA ASN A 63 4.54 14.14 -8.64
C ASN A 63 3.22 14.79 -8.29
N LEU A 64 2.68 14.79 -7.12
CA LEU A 64 1.33 15.24 -6.79
C LEU A 64 1.10 16.72 -7.08
N SER A 65 2.16 17.53 -7.06
CA SER A 65 2.04 18.95 -7.42
C SER A 65 1.98 19.18 -8.94
N ASP A 66 2.22 18.12 -9.74
CA ASP A 66 1.95 18.17 -11.19
C ASP A 66 0.44 17.99 -11.49
N ILE A 67 -0.35 17.58 -10.50
CA ILE A 67 -1.81 17.39 -10.69
C ILE A 67 -2.52 18.73 -10.80
N THR A 68 -3.39 18.83 -11.80
CA THR A 68 -4.21 20.02 -12.01
C THR A 68 -5.67 19.61 -12.17
N LYS A 69 -6.55 20.60 -12.30
CA LYS A 69 -7.98 20.35 -12.55
C LYS A 69 -8.25 19.45 -13.76
N ASP A 70 -7.36 19.48 -14.75
CA ASP A 70 -7.54 18.73 -16.00
C ASP A 70 -6.80 17.39 -16.06
N THR A 71 -6.09 17.04 -14.99
CA THR A 71 -5.42 15.75 -14.91
C THR A 71 -6.49 14.66 -14.83
N PRO A 72 -6.41 13.64 -15.71
CA PRO A 72 -7.41 12.58 -15.64
C PRO A 72 -7.30 11.78 -14.34
N PHE A 73 -8.41 11.23 -13.88
CA PHE A 73 -8.41 10.31 -12.74
C PHE A 73 -9.50 9.26 -12.90
N SER A 74 -9.35 8.17 -12.16
CA SER A 74 -10.34 7.11 -12.15
C SER A 74 -11.30 7.31 -10.99
N GLN A 75 -12.52 6.80 -11.17
CA GLN A 75 -13.52 6.83 -10.11
C GLN A 75 -13.89 5.40 -9.72
N ILE A 76 -14.51 5.25 -8.56
CA ILE A 76 -14.78 3.94 -7.99
C ILE A 76 -16.15 3.41 -8.40
N LYS A 77 -16.19 2.15 -8.81
CA LYS A 77 -17.41 1.42 -9.16
C LYS A 77 -17.82 0.47 -8.05
N GLU A 78 -16.83 -0.12 -7.38
CA GLU A 78 -17.08 -1.10 -6.32
C GLU A 78 -15.91 -1.10 -5.34
N ILE A 79 -16.22 -1.27 -4.06
CA ILE A 79 -15.23 -1.45 -3.00
C ILE A 79 -15.50 -2.81 -2.39
N ILE A 80 -14.47 -3.65 -2.34
CA ILE A 80 -14.57 -4.97 -1.73
C ILE A 80 -13.58 -5.06 -0.58
N ILE A 81 -14.07 -4.86 0.64
CA ILE A 81 -13.24 -4.94 1.84
C ILE A 81 -13.36 -6.37 2.37
N HIS A 82 -12.23 -6.95 2.77
CA HIS A 82 -12.22 -8.32 3.26
C HIS A 82 -13.29 -8.51 4.34
N GLN A 83 -14.16 -9.51 4.14
CA GLN A 83 -15.31 -9.76 5.02
C GLN A 83 -14.97 -9.89 6.51
N ASN A 84 -13.79 -10.42 6.80
CA ASN A 84 -13.31 -10.61 8.17
C ASN A 84 -12.42 -9.49 8.74
N TYR A 85 -12.25 -8.40 7.99
CA TYR A 85 -11.56 -7.23 8.53
C TYR A 85 -12.44 -6.54 9.58
N LYS A 86 -11.88 -6.35 10.76
CA LYS A 86 -12.50 -5.55 11.83
C LYS A 86 -11.48 -4.51 12.27
N VAL A 87 -11.87 -3.24 12.33
CA VAL A 87 -10.90 -2.15 12.51
C VAL A 87 -10.08 -2.17 13.81
N SER A 88 -10.72 -2.49 14.91
CA SER A 88 -9.92 -2.50 16.10
C SER A 88 -8.95 -3.65 16.11
N GLU A 89 -9.25 -4.72 15.39
CA GLU A 89 -8.34 -5.87 15.41
C GLU A 89 -7.22 -5.77 14.41
N GLY A 90 -7.56 -5.50 13.17
CA GLY A 90 -6.54 -5.17 12.21
C GLY A 90 -6.08 -6.29 11.35
N ASN A 91 -6.68 -7.43 11.56
CA ASN A 91 -6.28 -8.56 10.71
C ASN A 91 -6.90 -8.47 9.32
N HIS A 92 -6.43 -9.07 8.24
CA HIS A 92 -7.05 -9.03 6.90
C HIS A 92 -7.23 -7.59 6.43
N ASP A 93 -6.18 -6.79 6.60
CA ASP A 93 -6.19 -5.39 6.18
C ASP A 93 -5.92 -5.35 4.67
N ILE A 94 -6.97 -5.61 3.91
CA ILE A 94 -6.87 -5.73 2.47
C ILE A 94 -8.21 -5.37 1.84
N ALA A 95 -8.17 -4.67 0.71
CA ALA A 95 -9.36 -4.25 0.01
C ALA A 95 -9.11 -4.13 -1.48
N LEU A 96 -10.11 -4.49 -2.27
CA LEU A 96 -10.09 -4.29 -3.72
C LEU A 96 -10.96 -3.10 -4.08
N ILE A 97 -10.52 -2.34 -5.08
CA ILE A 97 -11.29 -1.25 -5.66
C ILE A 97 -11.48 -1.57 -7.14
N LYS A 98 -12.73 -1.58 -7.59
CA LYS A 98 -13.02 -1.69 -9.01
C LYS A 98 -13.23 -0.30 -9.58
N LEU A 99 -12.51 0.02 -10.65
CA LEU A 99 -12.61 1.34 -11.30
C LEU A 99 -13.83 1.37 -12.21
N GLN A 100 -14.36 2.56 -12.47
CA GLN A 100 -15.54 2.72 -13.33
C GLN A 100 -15.24 2.44 -14.80
N ALA A 101 -13.99 2.53 -15.19
CA ALA A 101 -13.56 2.23 -16.56
C ALA A 101 -12.18 1.59 -16.53
N PRO A 102 -11.91 0.65 -17.44
CA PRO A 102 -10.57 0.07 -17.49
C PRO A 102 -9.53 1.06 -18.01
N LEU A 103 -8.30 0.93 -17.51
CA LEU A 103 -7.20 1.79 -17.93
C LEU A 103 -6.41 1.13 -19.04
N ASN A 104 -5.99 1.93 -20.02
CA ASN A 104 -5.04 1.46 -21.01
C ASN A 104 -3.66 1.42 -20.36
N TYR A 105 -2.87 0.41 -20.72
CA TYR A 105 -1.55 0.26 -20.14
C TYR A 105 -0.51 1.09 -20.89
N THR A 106 0.33 1.79 -20.13
CA THR A 106 1.46 2.53 -20.65
C THR A 106 2.67 2.24 -19.78
N GLU A 107 3.83 2.72 -20.19
CA GLU A 107 5.04 2.59 -19.38
C GLU A 107 4.94 3.23 -17.99
N PHE A 108 3.96 4.11 -17.77
CA PHE A 108 3.78 4.77 -16.48
C PHE A 108 2.49 4.35 -15.77
N GLN A 109 1.81 3.35 -16.32
CA GLN A 109 0.50 2.94 -15.86
C GLN A 109 0.30 1.47 -16.27
N LYS A 110 0.85 0.58 -15.45
CA LYS A 110 0.88 -0.87 -15.70
C LYS A 110 0.60 -1.59 -14.40
N PRO A 111 0.05 -2.81 -14.47
CA PRO A 111 -0.18 -3.56 -13.24
C PRO A 111 1.07 -4.26 -12.70
N ILE A 112 1.13 -4.38 -11.37
CA ILE A 112 2.16 -5.18 -10.68
C ILE A 112 1.78 -6.67 -10.72
N SER A 113 2.78 -7.56 -10.75
CA SER A 113 2.50 -9.01 -10.79
C SER A 113 2.24 -9.44 -9.39
N LEU A 114 1.45 -10.50 -9.27
CA LEU A 114 1.08 -11.06 -8.00
C LEU A 114 1.83 -12.36 -7.78
N PRO A 115 2.06 -12.70 -6.50
CA PRO A 115 2.69 -13.97 -6.14
C PRO A 115 1.68 -15.11 -6.26
N SER A 116 2.19 -16.31 -6.15
CA SER A 116 1.40 -17.51 -6.03
C SER A 116 0.96 -17.70 -4.59
N LYS A 117 -0.16 -18.35 -4.41
CA LYS A 117 -0.56 -18.82 -3.12
C LYS A 117 0.53 -19.83 -2.66
N GLY A 118 0.83 -19.95 -1.37
CA GLY A 118 1.95 -20.80 -0.93
C GLY A 118 3.40 -20.37 -1.09
N ASP A 119 3.61 -19.08 -1.03
CA ASP A 119 4.89 -18.56 -1.33
C ASP A 119 5.60 -18.26 0.00
N THR A 120 6.80 -18.81 0.20
CA THR A 120 7.63 -18.37 1.33
C THR A 120 8.49 -17.22 0.88
N SER A 121 8.47 -16.15 1.65
CA SER A 121 9.16 -14.90 1.29
C SER A 121 10.68 -14.96 1.42
N THR A 122 11.24 -16.15 1.64
CA THR A 122 12.68 -16.30 1.89
C THR A 122 13.55 -16.05 0.65
N ILE A 123 12.95 -16.06 -0.53
CA ILE A 123 13.69 -15.82 -1.77
C ILE A 123 13.75 -14.32 -2.13
N TYR A 124 13.07 -13.47 -1.37
CA TYR A 124 13.03 -12.03 -1.64
C TYR A 124 14.06 -11.25 -0.83
N THR A 125 15.14 -10.88 -1.50
CA THR A 125 16.26 -10.17 -0.88
C THR A 125 16.35 -8.71 -1.29
N ASN A 126 15.57 -8.30 -2.28
CA ASN A 126 15.62 -6.94 -2.79
C ASN A 126 14.22 -6.33 -2.86
N CYS A 127 13.79 -5.78 -1.73
CA CYS A 127 12.42 -5.27 -1.57
C CYS A 127 12.38 -3.76 -1.33
N TRP A 128 11.34 -3.12 -1.88
CA TRP A 128 11.19 -1.67 -1.84
C TRP A 128 9.76 -1.29 -1.45
N VAL A 129 9.64 -0.15 -0.75
CA VAL A 129 8.34 0.39 -0.37
C VAL A 129 8.26 1.80 -0.93
N THR A 130 7.10 2.16 -1.47
CA THR A 130 6.91 3.45 -2.13
C THR A 130 5.66 4.18 -1.66
N GLY A 131 5.68 5.50 -1.74
CA GLY A 131 4.50 6.28 -1.42
C GLY A 131 4.77 7.76 -1.28
N TRP A 132 3.70 8.51 -1.10
CA TRP A 132 3.76 9.95 -0.91
C TRP A 132 3.53 10.34 0.57
N GLY A 133 3.64 9.40 1.49
CA GLY A 133 3.41 9.65 2.90
C GLY A 133 4.47 10.53 3.58
N PHE A 134 4.30 10.75 4.87
CA PHE A 134 5.21 11.61 5.63
C PHE A 134 6.64 11.10 5.53
N SER A 135 7.59 12.02 5.52
CA SER A 135 8.98 11.68 5.58
C SER A 135 9.53 11.66 7.02
N LYS A 136 8.71 11.98 7.98
CA LYS A 136 9.03 11.79 9.38
C LYS A 136 7.71 11.71 10.15
N GLU A 137 7.75 11.27 11.40
CA GLU A 137 6.58 11.33 12.24
C GLU A 137 6.24 12.81 12.40
N LYS A 138 4.98 13.13 12.43
CA LYS A 138 4.52 14.49 12.53
C LYS A 138 5.00 15.32 11.37
N GLY A 139 5.16 14.65 10.22
CA GLY A 139 5.53 15.28 8.99
C GLY A 139 4.42 15.66 8.02
N GLU A 140 4.70 15.62 6.70
CA GLU A 140 3.74 16.01 5.70
C GLU A 140 3.81 15.18 4.40
N ILE A 141 2.74 15.20 3.62
CA ILE A 141 2.67 14.49 2.35
C ILE A 141 3.78 15.01 1.43
N GLN A 142 4.48 14.11 0.77
CA GLN A 142 5.58 14.47 -0.12
C GLN A 142 5.06 14.60 -1.55
N ASN A 143 5.68 15.45 -2.34
CA ASN A 143 5.22 15.71 -3.70
C ASN A 143 5.63 14.61 -4.68
N ILE A 144 6.93 14.32 -4.75
CA ILE A 144 7.45 13.28 -5.64
C ILE A 144 7.40 11.92 -4.94
N LEU A 145 6.94 10.90 -5.67
CA LEU A 145 6.83 9.56 -5.12
C LEU A 145 8.15 9.09 -4.52
N GLN A 146 8.13 8.72 -3.24
CA GLN A 146 9.34 8.28 -2.57
C GLN A 146 9.52 6.78 -2.67
N LYS A 147 10.78 6.34 -2.67
CA LYS A 147 11.14 4.94 -2.68
C LYS A 147 12.17 4.68 -1.58
N VAL A 148 12.11 3.50 -0.98
CA VAL A 148 13.11 3.10 0.00
C VAL A 148 13.29 1.58 0.00
N ASN A 149 14.54 1.16 0.17
CA ASN A 149 14.95 -0.25 0.13
C ASN A 149 14.95 -0.73 1.58
N ILE A 150 14.18 -1.78 1.88
CA ILE A 150 14.03 -2.28 3.26
C ILE A 150 14.13 -3.81 3.27
N PRO A 151 14.89 -4.37 4.23
CA PRO A 151 14.95 -5.83 4.30
C PRO A 151 13.71 -6.43 4.96
N LEU A 152 13.28 -7.59 4.49
CA LEU A 152 12.23 -8.33 5.18
C LEU A 152 12.82 -8.89 6.48
N VAL A 153 11.97 -9.01 7.50
CA VAL A 153 12.36 -9.66 8.74
C VAL A 153 11.44 -10.85 8.97
N THR A 154 11.94 -11.88 9.63
CA THR A 154 11.14 -13.08 9.89
C THR A 154 10.02 -12.72 10.85
N ASN A 155 8.91 -13.46 10.76
CA ASN A 155 7.78 -13.22 11.66
C ASN A 155 8.16 -13.43 13.14
N GLU A 156 9.06 -14.38 13.40
CA GLU A 156 9.54 -14.63 14.76
C GLU A 156 10.23 -13.41 15.38
N GLU A 157 11.10 -12.76 14.61
CA GLU A 157 11.78 -11.54 15.08
C GLU A 157 10.82 -10.35 15.15
N CYS A 158 9.88 -10.25 14.21
CA CYS A 158 8.91 -9.22 14.23
C CYS A 158 8.00 -9.30 15.47
N GLN A 159 7.60 -10.51 15.80
CA GLN A 159 6.76 -10.73 16.97
C GLN A 159 7.36 -10.26 18.32
N LYS A 160 8.66 -10.37 18.46
CA LYS A 160 9.38 -9.87 19.61
C LYS A 160 9.23 -8.38 19.85
N ARG A 161 9.09 -7.60 18.78
CA ARG A 161 8.91 -6.19 18.91
C ARG A 161 7.45 -5.79 19.08
N TYR A 162 6.52 -6.73 18.96
CA TYR A 162 5.14 -6.39 19.05
C TYR A 162 4.33 -7.29 19.98
N GLN A 163 4.53 -7.12 21.26
CA GLN A 163 3.54 -7.62 22.20
C GLN A 163 2.72 -6.43 22.43
N ASP A 164 1.49 -6.32 22.35
CA ASP A 164 0.71 -7.47 22.33
C ASP A 164 -0.18 -7.41 21.13
N TYR A 165 0.43 -7.64 19.99
CA TYR A 165 -0.28 -7.89 18.76
C TYR A 165 0.18 -9.27 18.30
N LYS A 166 -0.65 -10.06 17.64
CA LYS A 166 -0.13 -11.29 17.08
C LYS A 166 0.24 -11.00 15.63
N ILE A 167 1.47 -11.33 15.32
CA ILE A 167 1.95 -11.30 13.99
C ILE A 167 1.66 -12.67 13.40
N THR A 168 0.74 -12.69 12.47
CA THR A 168 0.28 -13.94 11.88
C THR A 168 1.02 -14.28 10.58
N GLN A 169 0.82 -15.51 10.10
CA GLN A 169 1.36 -15.93 8.81
C GLN A 169 0.82 -15.12 7.63
N ARG A 170 -0.22 -14.35 7.98
CA ARG A 170 -0.75 -13.56 6.88
C ARG A 170 -0.20 -12.15 6.82
N MET A 171 0.77 -11.92 7.55
CA MET A 171 1.50 -10.66 7.57
C MET A 171 2.96 -10.90 7.24
N VAL A 172 3.60 -9.86 6.70
CA VAL A 172 5.04 -9.87 6.48
C VAL A 172 5.60 -8.56 7.02
N CYS A 173 6.78 -8.63 7.63
CA CYS A 173 7.38 -7.48 8.27
C CYS A 173 8.65 -7.08 7.54
N ALA A 174 9.00 -5.81 7.63
CA ALA A 174 10.22 -5.27 7.02
C ALA A 174 10.72 -4.08 7.83
N GLY A 175 12.03 -4.00 8.08
CA GLY A 175 12.61 -2.87 8.73
C GLY A 175 14.04 -3.10 9.11
N TYR A 176 14.65 -2.03 9.59
CA TYR A 176 15.99 -2.02 10.13
C TYR A 176 15.97 -1.96 11.65
N LYS A 177 16.86 -2.74 12.26
CA LYS A 177 16.99 -2.68 13.69
C LYS A 177 17.31 -1.23 14.15
N GLU A 178 18.12 -0.53 13.40
CA GLU A 178 18.48 0.84 13.74
C GLU A 178 17.46 1.89 13.35
N GLY A 179 16.42 1.43 12.68
CA GLY A 179 15.38 2.30 12.21
C GLY A 179 15.86 3.19 11.08
N GLY A 180 15.15 4.28 10.84
CA GLY A 180 15.50 5.31 9.90
C GLY A 180 14.99 5.18 8.49
N LYS A 181 14.47 4.02 8.16
CA LYS A 181 13.85 3.76 6.87
C LYS A 181 12.53 2.98 7.07
N ASP A 182 11.44 3.51 6.57
CA ASP A 182 10.14 2.91 6.85
C ASP A 182 9.04 3.60 6.06
N ALA A 183 7.86 2.97 6.00
CA ALA A 183 6.65 3.64 5.56
C ALA A 183 6.14 4.51 6.69
N CYS A 184 5.22 5.41 6.39
CA CYS A 184 4.68 6.31 7.41
C CYS A 184 3.26 6.72 7.03
N LYS A 185 2.72 7.71 7.76
CA LYS A 185 1.35 8.16 7.52
C LYS A 185 1.20 8.61 6.08
N GLY A 186 0.13 8.17 5.42
CA GLY A 186 -0.10 8.50 4.02
C GLY A 186 0.39 7.44 3.04
N ASP A 187 1.14 6.45 3.55
CA ASP A 187 1.63 5.35 2.72
C ASP A 187 0.73 4.11 2.76
N SER A 188 -0.27 4.11 3.65
CA SER A 188 -1.25 3.01 3.75
C SER A 188 -1.72 2.50 2.42
N GLY A 189 -1.77 1.17 2.30
CA GLY A 189 -2.35 0.56 1.12
C GLY A 189 -1.44 0.47 -0.08
N GLY A 190 -0.29 1.13 -0.02
CA GLY A 190 0.70 1.07 -1.07
C GLY A 190 1.47 -0.24 -1.10
N PRO A 191 2.31 -0.41 -2.12
CA PRO A 191 3.03 -1.66 -2.36
C PRO A 191 4.32 -1.83 -1.58
N LEU A 192 4.55 -3.07 -1.14
CA LEU A 192 5.88 -3.58 -0.80
C LEU A 192 6.19 -4.54 -1.95
N VAL A 193 7.16 -4.17 -2.78
CA VAL A 193 7.49 -4.96 -3.96
C VAL A 193 8.92 -5.47 -3.87
N CYS A 194 9.16 -6.66 -4.40
CA CYS A 194 10.49 -7.25 -4.40
C CYS A 194 10.86 -7.66 -5.82
N LYS A 195 12.12 -7.41 -6.18
CA LYS A 195 12.62 -7.75 -7.51
C LYS A 195 13.35 -9.07 -7.45
N HIS A 196 12.88 -10.00 -8.24
CA HIS A 196 13.45 -11.32 -8.31
C HIS A 196 13.66 -11.73 -9.77
N ASN A 197 14.90 -11.98 -10.12
CA ASN A 197 15.27 -12.35 -11.46
C ASN A 197 14.76 -11.39 -12.50
N GLY A 198 14.89 -10.12 -12.24
CA GLY A 198 14.60 -9.15 -13.23
C GLY A 198 13.18 -8.73 -13.18
N MET A 199 12.36 -9.34 -12.36
CA MET A 199 10.94 -8.92 -12.41
C MET A 199 10.43 -8.50 -10.98
N TRP A 200 9.51 -7.53 -10.92
CA TRP A 200 8.95 -7.07 -9.69
C TRP A 200 7.62 -7.79 -9.41
N ARG A 201 7.39 -8.09 -8.15
CA ARG A 201 6.13 -8.58 -7.71
C ARG A 201 5.71 -8.00 -6.36
N LEU A 202 4.41 -7.97 -6.18
CA LEU A 202 3.82 -7.45 -4.96
C LEU A 202 3.83 -8.47 -3.85
N VAL A 203 4.60 -8.20 -2.83
CA VAL A 203 4.72 -9.11 -1.70
C VAL A 203 3.85 -8.67 -0.52
N GLY A 204 3.72 -7.36 -0.31
CA GLY A 204 2.94 -6.85 0.81
C GLY A 204 2.18 -5.57 0.52
N ILE A 205 1.19 -5.30 1.38
CA ILE A 205 0.42 -4.05 1.37
C ILE A 205 0.70 -3.32 2.68
N THR A 206 1.13 -2.07 2.57
CA THR A 206 1.49 -1.25 3.73
C THR A 206 0.32 -1.12 4.72
N SER A 207 0.53 -1.54 5.96
CA SER A 207 -0.56 -1.67 6.94
C SER A 207 -0.32 -0.90 8.24
N TRP A 208 0.62 -1.34 9.07
CA TRP A 208 0.83 -0.73 10.39
C TRP A 208 2.26 -0.81 10.89
N GLY A 209 2.53 -0.07 11.96
CA GLY A 209 3.81 -0.10 12.65
C GLY A 209 3.74 0.88 13.80
N GLU A 210 4.73 0.93 14.65
CA GLU A 210 4.71 1.89 15.77
C GLU A 210 5.41 3.15 15.35
N GLY A 211 4.66 4.21 15.22
CA GLY A 211 5.23 5.45 14.75
C GLY A 211 5.76 5.22 13.34
N CYS A 212 6.86 5.85 13.01
CA CYS A 212 7.55 5.59 11.78
C CYS A 212 9.05 5.57 11.96
N ALA A 213 9.68 4.54 11.43
CA ALA A 213 11.12 4.47 11.38
C ALA A 213 11.79 4.48 12.75
N ARG A 214 11.11 3.98 13.76
CA ARG A 214 11.71 3.81 15.06
C ARG A 214 12.69 2.62 15.13
N ARG A 215 13.66 2.71 16.02
CA ARG A 215 14.55 1.59 16.24
C ARG A 215 13.75 0.38 16.67
N GLU A 216 14.12 -0.76 16.16
CA GLU A 216 13.55 -2.04 16.59
C GLU A 216 12.02 -2.10 16.52
N GLN A 217 11.43 -1.40 15.57
CA GLN A 217 9.98 -1.45 15.35
C GLN A 217 9.68 -1.55 13.86
N PRO A 218 9.72 -2.79 13.32
CA PRO A 218 9.53 -2.99 11.88
C PRO A 218 8.11 -2.64 11.40
N GLY A 219 8.03 -2.26 10.13
CA GLY A 219 6.73 -2.06 9.48
C GLY A 219 6.07 -3.41 9.26
N VAL A 220 4.75 -3.43 9.37
CA VAL A 220 3.98 -4.66 9.16
C VAL A 220 3.10 -4.48 7.93
N TYR A 221 3.07 -5.51 7.09
CA TYR A 221 2.40 -5.45 5.79
C TYR A 221 1.50 -6.66 5.65
N THR A 222 0.36 -6.49 4.98
CA THR A 222 -0.49 -7.64 4.65
C THR A 222 0.23 -8.49 3.61
N LYS A 223 0.39 -9.79 3.89
CA LYS A 223 1.10 -10.69 2.97
C LYS A 223 0.17 -11.11 1.84
N VAL A 224 0.43 -10.58 0.64
CA VAL A 224 -0.47 -10.74 -0.50
C VAL A 224 -0.65 -12.21 -0.92
N ALA A 225 0.41 -13.01 -0.85
CA ALA A 225 0.32 -14.43 -1.21
C ALA A 225 -0.77 -15.16 -0.43
N GLU A 226 -0.95 -14.77 0.84
CA GLU A 226 -1.94 -15.43 1.70
C GLU A 226 -3.39 -15.00 1.43
N TYR A 227 -3.60 -14.08 0.48
CA TYR A 227 -4.93 -13.63 0.07
C TYR A 227 -5.19 -13.83 -1.42
N MET A 228 -4.37 -14.64 -2.09
CA MET A 228 -4.50 -14.81 -3.53
C MET A 228 -5.76 -15.57 -3.94
N ASP A 229 -6.22 -16.51 -3.11
CA ASP A 229 -7.51 -17.15 -3.36
C ASP A 229 -8.64 -16.12 -3.29
N TRP A 230 -8.58 -15.26 -2.26
CA TRP A 230 -9.57 -14.20 -2.08
C TRP A 230 -9.53 -13.19 -3.24
N ILE A 231 -8.34 -12.77 -3.63
CA ILE A 231 -8.19 -11.81 -4.73
C ILE A 231 -8.78 -12.36 -6.03
N LEU A 232 -8.45 -13.62 -6.34
CA LEU A 232 -8.92 -14.26 -7.57
C LEU A 232 -10.44 -14.47 -7.54
N GLU A 233 -10.96 -14.94 -6.41
CA GLU A 233 -12.39 -15.22 -6.27
C GLU A 233 -13.20 -13.94 -6.41
N LYS A 234 -12.79 -12.89 -5.71
CA LYS A 234 -13.55 -11.65 -5.69
C LYS A 234 -13.52 -10.89 -7.02
N THR A 235 -12.37 -10.88 -7.70
CA THR A 235 -12.27 -10.19 -8.97
C THR A 235 -12.95 -10.96 -10.12
N GLN A 236 -12.90 -12.29 -10.07
CA GLN A 236 -13.64 -13.13 -11.04
C GLN A 236 -15.14 -13.07 -10.86
N SER A 237 -15.59 -13.13 -9.60
CA SER A 237 -17.02 -13.08 -9.29
C SER A 237 -17.63 -11.74 -9.68
N SER A 238 -16.88 -10.66 -9.43
CA SER A 238 -17.31 -9.32 -9.82
C SER A 238 -17.34 -9.16 -11.34
N ASP A 239 -16.25 -9.55 -11.99
CA ASP A 239 -16.14 -9.42 -13.45
C ASP A 239 -17.06 -10.40 -14.17
N CYS B 1 -9.77 3.79 13.26
CA CYS B 1 -8.55 2.92 13.18
C CYS B 1 -7.58 3.22 14.34
N PRO B 2 -6.97 2.16 14.90
CA PRO B 2 -5.94 2.32 15.95
C PRO B 2 -4.72 3.09 15.49
N ALA B 3 -4.00 3.67 16.45
CA ALA B 3 -2.86 4.54 16.19
C ALA B 3 -1.70 3.88 15.43
N ARG B 4 -1.57 2.55 15.55
CA ARG B 4 -0.52 1.82 14.83
C ARG B 4 -0.74 1.82 13.31
N PHE B 5 -1.95 2.06 12.85
CA PHE B 5 -2.22 2.20 11.41
C PHE B 5 -1.91 3.58 10.83
N ALA B 6 -1.89 3.75 9.60
CA ALA B 6 -1.19 4.81 8.85
C ALA B 6 -2.12 5.74 8.07
N ALA B 7 -3.31 5.60 8.10
CA ALA B 7 -4.20 6.61 7.57
C ALA B 7 -4.18 7.88 8.42
N LEU B 8 -4.60 8.90 7.84
CA LEU B 8 -4.30 10.19 8.43
C LEU B 8 -4.96 10.47 9.77
N TRP B 9 -6.00 9.87 10.08
CA TRP B 9 -6.72 10.08 11.33
C TRP B 9 -6.79 8.84 12.21
N CYS B 10 -5.90 7.88 11.97
CA CYS B 10 -5.76 6.72 12.83
C CYS B 10 -5.06 7.11 14.12
S SO4 C . -17.67 2.98 2.20
O1 SO4 C . -17.67 3.55 0.94
O2 SO4 C . -17.16 3.94 3.18
O3 SO4 C . -18.86 2.72 2.60
O4 SO4 C . -16.81 1.77 2.29
S SO4 D . -0.37 7.74 -18.09
O1 SO4 D . -1.53 7.81 -19.03
O2 SO4 D . 0.10 9.11 -17.78
O3 SO4 D . -0.81 7.05 -16.87
O4 SO4 D . 0.72 6.99 -18.75
S SO4 E . 16.24 1.69 -7.88
O1 SO4 E . 16.63 1.80 -9.30
O2 SO4 E . 16.35 3.03 -7.24
O3 SO4 E . 17.13 0.74 -7.20
O4 SO4 E . 14.83 1.21 -7.79
S SO4 F . 4.91 6.93 -11.99
O1 SO4 F . 3.61 6.55 -12.59
O2 SO4 F . 5.11 8.38 -12.08
O3 SO4 F . 4.95 6.53 -10.57
O4 SO4 F . 5.98 6.23 -12.74
S SO4 G . -13.13 19.14 3.21
O1 SO4 G . -14.42 19.72 2.81
O2 SO4 G . -12.37 18.78 2.00
O3 SO4 G . -13.37 17.94 4.05
O4 SO4 G . -12.35 20.12 4.01
S SO4 H . 19.29 -3.76 2.45
O1 SO4 H . 18.00 -4.49 2.32
O2 SO4 H . 19.27 -2.56 1.58
O3 SO4 H . 19.49 -3.35 3.86
O4 SO4 H . 20.40 -4.65 2.05
S SO4 I . -3.20 16.93 -4.93
O1 SO4 I . -3.91 16.80 -6.22
O2 SO4 I . -2.32 18.11 -4.96
O3 SO4 I . -4.19 17.08 -3.84
O4 SO4 I . -2.39 15.72 -4.69
S SO4 J . 19.27 2.42 7.97
O1 SO4 J . 17.83 2.32 7.67
O2 SO4 J . 19.62 3.84 8.16
O3 SO4 J . 19.59 1.65 9.20
O4 SO4 J . 20.05 1.87 6.83
C1 MRZ K . 0.92 3.37 8.59
C6 MRZ K . 1.86 4.07 9.54
C5 MRZ K . 2.89 3.14 10.16
N4 MRZ K . 3.54 2.25 9.21
C3 MRZ K . 2.69 1.64 8.22
C2 MRZ K . 1.79 2.66 7.57
C7 MRZ K . 4.81 1.90 9.32
N8 MRZ K . 5.35 1.09 8.57
N9 MRZ K . 5.54 2.52 10.33
#